data_9LDE
#
_entry.id   9LDE
#
_cell.length_a   71.253
_cell.length_b   89.708
_cell.length_c   66.189
_cell.angle_alpha   90.00
_cell.angle_beta   90.00
_cell.angle_gamma   90.00
#
_symmetry.space_group_name_H-M   'P 21 21 2'
#
loop_
_entity.id
_entity.type
_entity.pdbx_description
1 polymer "Probable RNA 2'-phosphotransferase"
2 non-polymer GLYCEROL
3 non-polymer '[[(2~{R},3~{S},4~{R},5~{R})-5-(6-aminopurin-9-yl)-3,4-bis(oxidanyl)oxolan-2-yl]methoxy-oxidanyl-phosphoryl] [(2~{R},3~{S},4~{R},5~{R})-3,4-bis(oxidanyl)-5-phosphonooxy-oxolan-2-yl]methyl hydrogen phosphate'
4 non-polymer "ADENOSINE-3'-5'-DIPHOSPHATE"
5 water water
#
_entity_poly.entity_id   1
_entity_poly.type   'polypeptide(L)'
_entity_poly.pdbx_seq_one_letter_code
;MKPERKRVSKLMAYILRHSPEEFGLRPDVEGFVSLNELVNALKTVYPEVTEEFVREIVENDPAGRYEIRGDRIRARYGHS
FPVSLDHEEDTESRFLYHGTPRRNLPSILKEGLKPMKRQYVHVSTDKIEALETGRRHGREVVLLVIDAECLRKRGFKIYK
AGKNVRIVERVPPDCITLAV
;
_entity_poly.pdbx_strand_id   A,B
#
# COMPACT_ATOMS: atom_id res chain seq x y z
N LYS A 2 15.15 -7.85 25.01
CA LYS A 2 15.24 -8.75 23.86
C LYS A 2 14.16 -9.82 23.92
N PRO A 3 13.93 -10.40 25.10
CA PRO A 3 12.97 -11.51 25.20
C PRO A 3 11.52 -11.08 25.01
N GLU A 4 11.19 -9.81 25.26
CA GLU A 4 9.84 -9.35 24.98
C GLU A 4 9.72 -8.94 23.52
N ARG A 5 10.81 -8.42 22.94
CA ARG A 5 10.76 -7.98 21.55
C ARG A 5 10.55 -9.17 20.63
N LYS A 6 11.19 -10.31 20.93
CA LYS A 6 11.15 -11.46 20.04
C LYS A 6 9.74 -12.04 19.95
N ARG A 7 9.06 -12.19 21.09
CA ARG A 7 7.72 -12.76 21.06
C ARG A 7 6.76 -11.86 20.30
N VAL A 8 6.84 -10.55 20.54
CA VAL A 8 5.97 -9.61 19.84
C VAL A 8 6.33 -9.54 18.36
N SER A 9 7.61 -9.53 18.04
CA SER A 9 8.03 -9.50 16.65
C SER A 9 7.53 -10.73 15.90
N LYS A 10 7.59 -11.91 16.53
CA LYS A 10 7.09 -13.13 15.89
C LYS A 10 5.61 -13.06 15.60
N LEU A 11 4.81 -12.51 16.53
CA LEU A 11 3.39 -12.32 16.24
C LEU A 11 3.19 -11.27 15.14
N MET A 12 4.04 -10.25 15.12
CA MET A 12 4.00 -9.26 14.04
C MET A 12 4.23 -9.92 12.68
N ALA A 13 5.16 -10.87 12.61
CA ALA A 13 5.41 -11.55 11.35
C ALA A 13 4.21 -12.40 10.94
N TYR A 14 3.60 -13.10 11.90
CA TYR A 14 2.43 -13.91 11.59
C TYR A 14 1.30 -13.03 11.04
N ILE A 15 1.05 -11.89 11.68
CA ILE A 15 -0.05 -11.03 11.24
C ILE A 15 0.25 -10.42 9.88
N LEU A 16 1.49 -9.95 9.67
CA LEU A 16 1.80 -9.20 8.46
C LEU A 16 2.16 -10.09 7.29
N ARG A 17 2.56 -11.33 7.53
CA ARG A 17 2.93 -12.24 6.45
C ARG A 17 1.86 -13.27 6.10
N HIS A 18 1.01 -13.68 7.04
CA HIS A 18 0.24 -14.90 6.81
C HIS A 18 -1.26 -14.74 6.98
N SER A 19 -1.72 -14.27 8.13
CA SER A 19 -3.15 -14.25 8.44
C SER A 19 -3.59 -12.91 9.03
N PRO A 20 -3.45 -11.81 8.28
CA PRO A 20 -3.96 -10.54 8.80
C PRO A 20 -5.48 -10.56 9.00
N GLU A 21 -6.19 -11.25 8.10
CA GLU A 21 -7.64 -11.29 8.17
C GLU A 21 -8.13 -11.91 9.46
N GLU A 22 -7.35 -12.82 10.05
CA GLU A 22 -7.76 -13.43 11.31
C GLU A 22 -7.86 -12.42 12.43
N PHE A 23 -7.20 -11.26 12.29
CA PHE A 23 -7.28 -10.18 13.26
C PHE A 23 -8.12 -9.03 12.75
N GLY A 24 -8.88 -9.25 11.68
CA GLY A 24 -9.71 -8.19 11.14
C GLY A 24 -8.95 -7.16 10.35
N LEU A 25 -7.72 -7.46 9.92
CA LEU A 25 -6.93 -6.54 9.12
C LEU A 25 -7.00 -6.93 7.65
N ARG A 26 -7.16 -5.93 6.79
CA ARG A 26 -7.17 -6.14 5.34
C ARG A 26 -6.03 -5.36 4.71
N PRO A 27 -4.92 -6.01 4.37
CA PRO A 27 -3.78 -5.28 3.79
C PRO A 27 -4.11 -4.70 2.43
N ASP A 28 -3.46 -3.57 2.11
CA ASP A 28 -3.54 -3.08 0.74
C ASP A 28 -2.66 -3.95 -0.18
N VAL A 29 -2.67 -3.59 -1.46
CA VAL A 29 -2.02 -4.45 -2.45
C VAL A 29 -0.52 -4.55 -2.19
N GLU A 30 0.08 -3.54 -1.57
CA GLU A 30 1.49 -3.52 -1.24
C GLU A 30 1.82 -4.21 0.08
N GLY A 31 0.82 -4.71 0.81
CA GLY A 31 1.05 -5.41 2.06
C GLY A 31 0.96 -4.57 3.31
N PHE A 32 0.69 -3.26 3.17
CA PHE A 32 0.61 -2.37 4.33
C PHE A 32 -0.72 -2.52 5.05
N VAL A 33 -0.66 -2.48 6.38
CA VAL A 33 -1.84 -2.26 7.22
C VAL A 33 -1.60 -0.99 8.04
N SER A 34 -2.67 -0.51 8.66
CA SER A 34 -2.55 0.64 9.55
C SER A 34 -1.74 0.27 10.80
N LEU A 35 -0.80 1.14 11.17
CA LEU A 35 0.01 0.90 12.36
C LEU A 35 -0.85 0.84 13.62
N ASN A 36 -1.86 1.70 13.74
CA ASN A 36 -2.72 1.64 14.91
C ASN A 36 -3.52 0.33 14.93
N GLU A 37 -3.96 -0.13 13.76
CA GLU A 37 -4.69 -1.39 13.69
C GLU A 37 -3.80 -2.57 14.06
N LEU A 38 -2.53 -2.55 13.63
CA LEU A 38 -1.62 -3.62 14.04
C LEU A 38 -1.44 -3.63 15.56
N VAL A 39 -1.28 -2.45 16.16
CA VAL A 39 -1.09 -2.38 17.61
C VAL A 39 -2.27 -3.01 18.34
N ASN A 40 -3.49 -2.66 17.93
CA ASN A 40 -4.67 -3.25 18.57
C ASN A 40 -4.71 -4.76 18.36
N ALA A 41 -4.29 -5.23 17.20
CA ALA A 41 -4.26 -6.67 16.97
C ALA A 41 -3.26 -7.35 17.90
N LEU A 42 -2.06 -6.77 18.05
CA LEU A 42 -1.08 -7.32 18.97
C LEU A 42 -1.58 -7.27 20.41
N LYS A 43 -2.35 -6.24 20.76
CA LYS A 43 -2.87 -6.12 22.12
C LYS A 43 -3.90 -7.19 22.45
N THR A 44 -4.58 -7.77 21.47
CA THR A 44 -5.49 -8.87 21.77
C THR A 44 -4.73 -10.06 22.37
N VAL A 45 -3.43 -10.16 22.11
CA VAL A 45 -2.61 -11.23 22.62
C VAL A 45 -1.70 -10.75 23.74
N TYR A 46 -1.06 -9.59 23.56
CA TYR A 46 -0.11 -9.03 24.52
C TYR A 46 -0.62 -7.65 24.90
N PRO A 47 -1.44 -7.54 25.95
CA PRO A 47 -2.15 -6.28 26.21
C PRO A 47 -1.24 -5.09 26.53
N GLU A 48 0.02 -5.33 26.91
CA GLU A 48 0.92 -4.23 27.25
C GLU A 48 1.55 -3.56 26.05
N VAL A 49 1.36 -4.10 24.83
CA VAL A 49 2.05 -3.57 23.66
C VAL A 49 1.52 -2.17 23.33
N THR A 50 2.44 -1.27 22.98
CA THR A 50 2.14 0.11 22.59
C THR A 50 2.73 0.38 21.22
N GLU A 51 2.29 1.50 20.62
CA GLU A 51 2.84 1.92 19.35
C GLU A 51 4.35 2.15 19.46
N GLU A 52 4.80 2.77 20.55
CA GLU A 52 6.23 3.02 20.73
C GLU A 52 7.01 1.72 20.74
N PHE A 53 6.47 0.69 21.40
CA PHE A 53 7.16 -0.58 21.44
C PHE A 53 7.27 -1.19 20.04
N VAL A 54 6.22 -1.05 19.22
CA VAL A 54 6.29 -1.56 17.86
C VAL A 54 7.33 -0.80 17.04
N ARG A 55 7.37 0.53 17.17
CA ARG A 55 8.37 1.32 16.48
C ARG A 55 9.78 0.93 16.93
N GLU A 56 9.96 0.64 18.22
CA GLU A 56 11.27 0.19 18.68
C GLU A 56 11.63 -1.15 18.04
N ILE A 57 10.67 -2.06 17.94
CA ILE A 57 10.92 -3.35 17.30
C ILE A 57 11.37 -3.15 15.86
N VAL A 58 10.69 -2.27 15.13
CA VAL A 58 11.03 -2.04 13.72
C VAL A 58 12.40 -1.41 13.59
N GLU A 59 12.68 -0.37 14.38
CA GLU A 59 13.94 0.36 14.25
C GLU A 59 15.14 -0.52 14.59
N ASN A 60 15.00 -1.41 15.57
CA ASN A 60 16.10 -2.22 16.07
C ASN A 60 16.15 -3.62 15.48
N ASP A 61 15.27 -3.95 14.53
CA ASP A 61 15.24 -5.33 14.02
C ASP A 61 16.48 -5.59 13.18
N PRO A 62 17.31 -6.58 13.56
CA PRO A 62 18.61 -6.75 12.88
C PRO A 62 18.50 -7.27 11.45
N ALA A 63 17.38 -7.89 11.06
CA ALA A 63 17.24 -8.39 9.70
C ALA A 63 16.55 -7.40 8.76
N GLY A 64 15.94 -6.34 9.28
CA GLY A 64 15.13 -5.47 8.44
C GLY A 64 13.82 -6.10 8.02
N ARG A 65 13.14 -6.75 8.95
CA ARG A 65 11.93 -7.52 8.61
C ARG A 65 10.76 -6.63 8.21
N TYR A 66 10.71 -5.40 8.72
CA TYR A 66 9.52 -4.56 8.70
C TYR A 66 9.84 -3.20 8.09
N GLU A 67 8.78 -2.52 7.67
CA GLU A 67 8.88 -1.19 7.09
C GLU A 67 7.69 -0.37 7.56
N ILE A 68 7.96 0.82 8.09
CA ILE A 68 6.93 1.81 8.37
C ILE A 68 7.04 2.94 7.36
N ARG A 69 5.91 3.32 6.76
CA ARG A 69 5.80 4.53 5.94
C ARG A 69 4.74 5.40 6.59
N GLY A 70 5.17 6.48 7.24
CA GLY A 70 4.21 7.31 7.93
C GLY A 70 3.55 6.54 9.06
N ASP A 71 2.27 6.20 8.88
CA ASP A 71 1.49 5.48 9.92
C ASP A 71 1.00 4.15 9.37
N ARG A 72 1.73 3.60 8.39
CA ARG A 72 1.40 2.31 7.82
C ARG A 72 2.61 1.39 7.99
N ILE A 73 2.37 0.08 8.04
CA ILE A 73 3.45 -0.87 8.29
C ILE A 73 3.17 -2.15 7.52
N ARG A 74 4.25 -2.79 7.06
CA ARG A 74 4.18 -4.09 6.39
C ARG A 74 5.40 -4.92 6.78
N ALA A 75 5.30 -6.22 6.53
CA ALA A 75 6.47 -7.07 6.44
C ALA A 75 7.13 -6.85 5.07
N ARG A 76 8.47 -6.86 5.05
CA ARG A 76 9.17 -6.66 3.80
C ARG A 76 9.33 -7.95 2.99
N TYR A 77 9.14 -9.10 3.61
CA TYR A 77 9.24 -10.37 2.90
C TYR A 77 8.51 -11.44 3.70
N GLY A 78 8.52 -12.66 3.17
CA GLY A 78 7.97 -13.81 3.86
C GLY A 78 6.50 -14.05 3.66
N HIS A 79 5.81 -13.20 2.89
CA HIS A 79 4.37 -13.31 2.74
C HIS A 79 3.95 -14.63 2.12
N SER A 80 2.81 -15.16 2.59
CA SER A 80 2.14 -16.29 1.96
C SER A 80 0.85 -15.86 1.27
N PHE A 81 0.65 -14.57 1.04
CA PHE A 81 -0.45 -14.07 0.24
C PHE A 81 0.10 -13.05 -0.74
N PRO A 82 -0.57 -12.84 -1.88
CA PRO A 82 0.01 -11.97 -2.91
C PRO A 82 0.19 -10.53 -2.44
N VAL A 83 1.36 -9.97 -2.73
CA VAL A 83 1.69 -8.58 -2.45
C VAL A 83 2.52 -8.03 -3.60
N SER A 84 2.34 -6.75 -3.89
CA SER A 84 3.12 -6.04 -4.90
C SER A 84 4.20 -5.24 -4.18
N LEU A 85 5.45 -5.66 -4.33
CA LEU A 85 6.57 -5.07 -3.61
C LEU A 85 7.41 -4.23 -4.55
N ASP A 86 7.77 -3.04 -4.10
CA ASP A 86 8.56 -2.09 -4.87
C ASP A 86 10.00 -2.00 -4.37
N HIS A 87 10.58 -3.14 -3.98
CA HIS A 87 11.92 -3.14 -3.41
C HIS A 87 12.97 -2.83 -4.48
N GLU A 88 14.07 -2.24 -4.05
CA GLU A 88 15.22 -2.04 -4.93
C GLU A 88 15.80 -3.38 -5.35
N GLU A 89 16.28 -3.43 -6.58
CA GLU A 89 16.90 -4.64 -7.11
C GLU A 89 18.36 -4.74 -6.68
N ASP A 90 18.77 -5.96 -6.31
CA ASP A 90 20.17 -6.26 -6.00
C ASP A 90 20.89 -6.57 -7.31
N THR A 91 21.73 -5.65 -7.76
CA THR A 91 22.61 -5.87 -8.91
C THR A 91 24.07 -5.99 -8.52
N GLU A 92 24.40 -5.93 -7.22
CA GLU A 92 25.78 -5.96 -6.74
C GLU A 92 26.26 -7.36 -6.34
N SER A 93 25.40 -8.14 -5.67
CA SER A 93 25.83 -9.45 -5.19
C SER A 93 26.27 -10.37 -6.33
N ARG A 94 27.38 -11.08 -6.11
CA ARG A 94 27.83 -12.05 -7.09
C ARG A 94 27.30 -13.45 -6.76
N PHE A 95 27.24 -13.79 -5.47
CA PHE A 95 26.76 -15.09 -5.04
C PHE A 95 25.77 -14.91 -3.90
N LEU A 96 24.74 -15.73 -3.91
CA LEU A 96 23.74 -15.74 -2.87
C LEU A 96 23.68 -17.16 -2.30
N TYR A 97 23.08 -17.31 -1.13
CA TYR A 97 23.14 -18.56 -0.38
C TYR A 97 21.76 -18.95 0.10
N HIS A 98 21.54 -20.26 0.17
CA HIS A 98 20.28 -20.81 0.64
C HIS A 98 20.58 -22.13 1.33
N GLY A 99 20.18 -22.24 2.60
CA GLY A 99 20.33 -23.48 3.35
C GLY A 99 19.04 -24.27 3.33
N THR A 100 19.16 -25.58 3.14
CA THR A 100 17.98 -26.42 3.07
C THR A 100 18.36 -27.82 3.53
N PRO A 101 17.43 -28.56 4.14
CA PRO A 101 17.72 -29.95 4.49
C PRO A 101 18.24 -30.74 3.30
N ARG A 102 19.24 -31.57 3.58
CA ARG A 102 19.83 -32.44 2.56
C ARG A 102 18.78 -33.29 1.85
N ARG A 103 17.73 -33.69 2.56
CA ARG A 103 16.69 -34.51 1.95
C ARG A 103 16.04 -33.83 0.75
N ASN A 104 16.12 -32.50 0.64
CA ASN A 104 15.50 -31.81 -0.48
C ASN A 104 16.39 -31.72 -1.71
N LEU A 105 17.65 -32.13 -1.61
CA LEU A 105 18.58 -31.97 -2.73
C LEU A 105 18.10 -32.64 -4.01
N PRO A 106 17.67 -33.90 -4.01
CA PRO A 106 17.21 -34.50 -5.29
C PRO A 106 16.12 -33.69 -5.96
N SER A 107 15.14 -33.22 -5.20
CA SER A 107 14.07 -32.44 -5.81
C SER A 107 14.58 -31.09 -6.31
N ILE A 108 15.44 -30.43 -5.52
CA ILE A 108 15.91 -29.10 -5.89
C ILE A 108 16.78 -29.17 -7.14
N LEU A 109 17.57 -30.24 -7.28
CA LEU A 109 18.44 -30.34 -8.45
C LEU A 109 17.66 -30.63 -9.73
N LYS A 110 16.41 -31.09 -9.61
CA LYS A 110 15.50 -31.28 -10.75
C LYS A 110 14.73 -30.00 -11.08
N GLU A 111 14.13 -29.38 -10.07
CA GLU A 111 13.20 -28.28 -10.25
C GLU A 111 13.75 -26.92 -9.85
N GLY A 112 14.91 -26.84 -9.21
CA GLY A 112 15.36 -25.59 -8.68
C GLY A 112 14.66 -25.29 -7.37
N LEU A 113 14.96 -24.12 -6.80
CA LEU A 113 14.25 -23.68 -5.62
C LEU A 113 12.88 -23.15 -6.03
N LYS A 114 11.85 -23.56 -5.30
CA LYS A 114 10.49 -23.09 -5.56
C LYS A 114 9.97 -22.32 -4.35
N PRO A 115 9.00 -21.41 -4.55
CA PRO A 115 8.53 -20.60 -3.43
C PRO A 115 7.74 -21.36 -2.38
N MET A 116 7.20 -22.55 -2.71
CA MET A 116 6.40 -23.40 -1.79
C MET A 116 5.18 -22.60 -1.34
N LYS A 117 4.94 -22.46 -0.03
CA LYS A 117 3.75 -21.74 0.45
C LYS A 117 3.92 -20.23 0.40
N ARG A 118 5.09 -19.73 0.03
CA ARG A 118 5.32 -18.30 0.01
C ARG A 118 5.17 -17.74 -1.40
N GLN A 119 5.14 -16.41 -1.50
CA GLN A 119 5.11 -15.80 -2.81
C GLN A 119 6.46 -15.85 -3.51
N TYR A 120 7.56 -15.83 -2.75
CA TYR A 120 8.91 -15.71 -3.30
C TYR A 120 9.84 -16.75 -2.69
N VAL A 121 10.86 -17.13 -3.44
CA VAL A 121 12.00 -17.84 -2.86
C VAL A 121 12.85 -16.84 -2.08
N HIS A 122 13.27 -17.23 -0.88
CA HIS A 122 14.12 -16.41 -0.03
C HIS A 122 15.55 -16.98 -0.02
N VAL A 123 16.54 -16.10 -0.22
CA VAL A 123 17.96 -16.43 -0.15
C VAL A 123 18.66 -15.36 0.69
N SER A 124 19.97 -15.51 0.87
CA SER A 124 20.71 -14.64 1.76
C SER A 124 22.06 -14.28 1.15
N THR A 125 22.55 -13.10 1.52
CA THR A 125 23.94 -12.74 1.25
C THR A 125 24.91 -13.35 2.27
N ASP A 126 24.41 -13.95 3.35
CA ASP A 126 25.23 -14.40 4.48
C ASP A 126 25.14 -15.92 4.63
N LYS A 127 26.30 -16.59 4.66
CA LYS A 127 26.32 -18.05 4.71
C LYS A 127 25.75 -18.59 6.02
N ILE A 128 26.17 -18.04 7.17
CA ILE A 128 25.69 -18.55 8.45
C ILE A 128 24.18 -18.46 8.54
N GLU A 129 23.61 -17.33 8.12
CA GLU A 129 22.16 -17.14 8.23
C GLU A 129 21.39 -18.02 7.26
N ALA A 130 21.92 -18.24 6.05
CA ALA A 130 21.31 -19.23 5.16
C ALA A 130 21.24 -20.60 5.82
N LEU A 131 22.34 -21.01 6.47
CA LEU A 131 22.39 -22.33 7.10
C LEU A 131 21.48 -22.39 8.32
N GLU A 132 21.44 -21.32 9.12
CA GLU A 132 20.56 -21.32 10.30
C GLU A 132 19.10 -21.34 9.89
N THR A 133 18.77 -20.69 8.76
CA THR A 133 17.43 -20.80 8.22
C THR A 133 17.12 -22.23 7.80
N GLY A 134 18.07 -22.89 7.13
CA GLY A 134 17.85 -24.29 6.76
C GLY A 134 17.66 -25.19 7.96
N ARG A 135 18.38 -24.92 9.04
CA ARG A 135 18.34 -25.76 10.23
C ARG A 135 16.97 -25.75 10.91
N ARG A 136 16.11 -24.76 10.62
CA ARG A 136 14.75 -24.79 11.12
C ARG A 136 13.92 -25.93 10.54
N HIS A 137 14.31 -26.44 9.36
CA HIS A 137 13.52 -27.45 8.67
C HIS A 137 14.05 -28.87 8.85
N GLY A 138 15.21 -29.03 9.48
CA GLY A 138 15.84 -30.32 9.62
C GLY A 138 17.24 -30.19 10.18
N ARG A 139 17.79 -31.29 10.71
CA ARG A 139 19.10 -31.27 11.33
C ARG A 139 20.22 -31.38 10.30
N GLU A 140 20.06 -32.21 9.26
CA GLU A 140 21.07 -32.41 8.24
C GLU A 140 20.81 -31.43 7.11
N VAL A 141 21.67 -30.43 6.97
CA VAL A 141 21.43 -29.28 6.10
C VAL A 141 22.58 -29.10 5.11
N VAL A 142 22.27 -28.63 3.90
CA VAL A 142 23.29 -28.29 2.91
C VAL A 142 23.21 -26.82 2.59
N LEU A 143 24.37 -26.25 2.28
CA LEU A 143 24.46 -24.87 1.82
C LEU A 143 24.44 -24.86 0.30
N LEU A 144 23.45 -24.18 -0.29
CA LEU A 144 23.43 -23.96 -1.73
C LEU A 144 24.05 -22.61 -2.05
N VAL A 145 24.97 -22.60 -3.02
CA VAL A 145 25.58 -21.37 -3.51
C VAL A 145 24.96 -21.06 -4.86
N ILE A 146 24.46 -19.83 -5.01
CA ILE A 146 23.67 -19.43 -6.16
C ILE A 146 24.42 -18.34 -6.90
N ASP A 147 24.55 -18.50 -8.21
CA ASP A 147 25.19 -17.50 -9.06
C ASP A 147 24.16 -16.41 -9.37
N ALA A 148 24.32 -15.24 -8.74
CA ALA A 148 23.32 -14.20 -8.88
C ALA A 148 23.22 -13.68 -10.32
N GLU A 149 24.35 -13.66 -11.04
CA GLU A 149 24.32 -13.19 -12.42
C GLU A 149 23.58 -14.18 -13.33
N CYS A 150 23.72 -15.49 -13.08
CA CYS A 150 22.88 -16.47 -13.77
C CYS A 150 21.41 -16.12 -13.63
N LEU A 151 20.98 -15.78 -12.40
CA LEU A 151 19.59 -15.40 -12.16
C LEU A 151 19.20 -14.17 -12.99
N ARG A 152 20.04 -13.14 -12.96
CA ARG A 152 19.70 -11.92 -13.71
C ARG A 152 19.63 -12.19 -15.21
N LYS A 153 20.56 -12.99 -15.74
CA LYS A 153 20.53 -13.28 -17.17
C LYS A 153 19.26 -14.01 -17.57
N ARG A 154 18.73 -14.85 -16.68
CA ARG A 154 17.50 -15.57 -16.99
C ARG A 154 16.25 -14.74 -16.71
N GLY A 155 16.42 -13.46 -16.36
CA GLY A 155 15.30 -12.55 -16.24
C GLY A 155 14.72 -12.42 -14.85
N PHE A 156 15.33 -13.05 -13.85
CA PHE A 156 14.80 -13.07 -12.50
C PHE A 156 15.34 -11.88 -11.72
N LYS A 157 14.47 -10.93 -11.40
CA LYS A 157 14.90 -9.80 -10.59
C LYS A 157 15.15 -10.27 -9.16
N ILE A 158 16.21 -9.75 -8.56
CA ILE A 158 16.58 -10.08 -7.19
C ILE A 158 16.31 -8.83 -6.38
N TYR A 159 15.48 -8.94 -5.35
CA TYR A 159 15.00 -7.77 -4.63
C TYR A 159 15.63 -7.71 -3.25
N LYS A 160 16.04 -6.51 -2.85
CA LYS A 160 16.69 -6.28 -1.56
C LYS A 160 15.61 -6.16 -0.49
N ALA A 161 15.12 -7.32 -0.05
CA ALA A 161 13.97 -7.32 0.85
C ALA A 161 14.36 -7.02 2.28
N GLY A 162 15.49 -7.54 2.73
CA GLY A 162 15.99 -7.29 4.06
C GLY A 162 17.45 -6.88 4.04
N LYS A 163 18.05 -6.77 5.22
CA LYS A 163 19.48 -6.41 5.30
C LYS A 163 20.33 -7.45 4.57
N ASN A 164 20.13 -8.73 4.89
CA ASN A 164 20.77 -9.83 4.20
C ASN A 164 19.80 -10.64 3.34
N VAL A 165 18.50 -10.60 3.64
CA VAL A 165 17.55 -11.42 2.89
C VAL A 165 17.33 -10.82 1.50
N ARG A 166 17.34 -11.68 0.49
CA ARG A 166 16.96 -11.35 -0.86
C ARG A 166 15.84 -12.29 -1.28
N ILE A 167 14.92 -11.79 -2.10
CA ILE A 167 13.84 -12.60 -2.62
C ILE A 167 13.88 -12.57 -4.14
N VAL A 168 13.43 -13.67 -4.73
CA VAL A 168 13.39 -13.82 -6.17
C VAL A 168 12.28 -14.81 -6.50
N GLU A 169 11.71 -14.70 -7.69
CA GLU A 169 10.53 -15.50 -8.02
C GLU A 169 10.82 -16.99 -7.89
N ARG A 170 11.98 -17.43 -8.36
CA ARG A 170 12.43 -18.80 -8.20
C ARG A 170 13.90 -18.84 -8.60
N VAL A 171 14.54 -19.95 -8.29
CA VAL A 171 15.94 -20.18 -8.64
C VAL A 171 16.00 -21.45 -9.47
N PRO A 172 16.14 -21.33 -10.80
CA PRO A 172 16.29 -22.51 -11.63
C PRO A 172 17.55 -23.27 -11.26
N PRO A 173 17.56 -24.59 -11.44
CA PRO A 173 18.70 -25.39 -10.96
C PRO A 173 20.01 -25.06 -11.67
N ASP A 174 19.97 -24.52 -12.89
CA ASP A 174 21.18 -24.09 -13.59
C ASP A 174 21.96 -23.01 -12.84
N CYS A 175 21.28 -22.25 -11.98
CA CYS A 175 21.90 -21.13 -11.26
C CYS A 175 22.54 -21.56 -9.95
N ILE A 176 22.44 -22.84 -9.59
CA ILE A 176 23.04 -23.36 -8.38
C ILE A 176 24.44 -23.89 -8.74
N THR A 177 25.49 -23.27 -8.19
CA THR A 177 26.84 -23.69 -8.55
C THR A 177 27.44 -24.72 -7.60
N LEU A 178 26.95 -24.81 -6.35
CA LEU A 178 27.55 -25.68 -5.35
C LEU A 178 26.51 -26.14 -4.36
N ALA A 179 26.66 -27.37 -3.87
CA ALA A 179 25.89 -27.90 -2.76
C ALA A 179 26.86 -28.53 -1.77
N VAL A 180 27.03 -27.91 -0.61
CA VAL A 180 27.99 -28.43 0.37
C VAL A 180 27.29 -28.78 1.68
N PRO B 3 11.00 6.57 -8.52
CA PRO B 3 11.15 6.89 -9.95
C PRO B 3 10.00 6.40 -10.84
N GLU B 4 9.17 5.45 -10.39
CA GLU B 4 8.03 5.01 -11.18
C GLU B 4 6.81 5.89 -10.89
N ARG B 5 6.09 6.27 -11.95
CA ARG B 5 5.10 7.34 -11.85
C ARG B 5 3.91 6.98 -10.98
N LYS B 6 3.34 5.78 -11.16
CA LYS B 6 2.14 5.42 -10.42
C LYS B 6 2.43 5.25 -8.93
N ARG B 7 3.58 4.65 -8.60
CA ARG B 7 3.97 4.46 -7.20
C ARG B 7 4.14 5.79 -6.47
N VAL B 8 4.80 6.76 -7.12
CA VAL B 8 5.00 8.05 -6.49
C VAL B 8 3.67 8.77 -6.33
N SER B 9 2.82 8.73 -7.36
CA SER B 9 1.51 9.38 -7.29
C SER B 9 0.66 8.81 -6.15
N LYS B 10 0.64 7.49 -5.98
CA LYS B 10 -0.13 6.90 -4.89
C LYS B 10 0.38 7.35 -3.54
N LEU B 11 1.71 7.41 -3.38
CA LEU B 11 2.25 7.92 -2.13
C LEU B 11 1.93 9.40 -1.94
N MET B 12 1.92 10.16 -3.04
CA MET B 12 1.57 11.58 -2.99
C MET B 12 0.13 11.78 -2.49
N ALA B 13 -0.80 10.94 -2.97
CA ALA B 13 -2.19 11.07 -2.55
C ALA B 13 -2.36 10.70 -1.08
N TYR B 14 -1.67 9.67 -0.63
CA TYR B 14 -1.76 9.28 0.78
C TYR B 14 -1.25 10.40 1.68
N ILE B 15 -0.10 10.98 1.34
CA ILE B 15 0.47 12.04 2.19
C ILE B 15 -0.43 13.27 2.20
N LEU B 16 -0.96 13.64 1.05
CA LEU B 16 -1.69 14.90 0.94
C LEU B 16 -3.16 14.77 1.34
N ARG B 17 -3.72 13.57 1.33
CA ARG B 17 -5.12 13.39 1.72
C ARG B 17 -5.30 12.87 3.15
N HIS B 18 -4.33 12.12 3.68
CA HIS B 18 -4.61 11.34 4.87
C HIS B 18 -3.64 11.59 6.02
N SER B 19 -2.33 11.46 5.79
CA SER B 19 -1.35 11.49 6.88
C SER B 19 -0.19 12.43 6.60
N PRO B 20 -0.44 13.73 6.35
CA PRO B 20 0.70 14.64 6.18
C PRO B 20 1.55 14.77 7.42
N GLU B 21 0.94 14.83 8.60
CA GLU B 21 1.70 15.04 9.82
C GLU B 21 2.65 13.88 10.11
N GLU B 22 2.27 12.65 9.75
CA GLU B 22 3.16 11.51 9.97
C GLU B 22 4.44 11.61 9.14
N PHE B 23 4.47 12.48 8.14
CA PHE B 23 5.67 12.74 7.36
C PHE B 23 6.30 14.08 7.74
N GLY B 24 5.86 14.68 8.84
CA GLY B 24 6.39 15.95 9.30
C GLY B 24 5.90 17.17 8.56
N LEU B 25 4.81 17.06 7.81
CA LEU B 25 4.24 18.15 7.04
C LEU B 25 3.04 18.75 7.78
N ARG B 26 2.94 20.08 7.78
CA ARG B 26 1.76 20.74 8.35
C ARG B 26 1.00 21.46 7.26
N PRO B 27 -0.10 20.89 6.77
CA PRO B 27 -0.88 21.58 5.74
C PRO B 27 -1.48 22.86 6.29
N ASP B 28 -1.63 23.84 5.41
CA ASP B 28 -2.39 25.04 5.76
C ASP B 28 -3.89 24.74 5.64
N VAL B 29 -4.72 25.73 5.93
CA VAL B 29 -6.17 25.51 5.96
C VAL B 29 -6.70 25.09 4.59
N GLU B 30 -6.02 25.44 3.51
CA GLU B 30 -6.44 25.06 2.17
C GLU B 30 -5.96 23.68 1.76
N GLY B 31 -5.17 23.02 2.61
CA GLY B 31 -4.66 21.70 2.33
C GLY B 31 -3.30 21.69 1.67
N PHE B 32 -2.73 22.86 1.39
CA PHE B 32 -1.42 22.94 0.74
C PHE B 32 -0.30 22.67 1.72
N VAL B 33 0.70 21.91 1.27
CA VAL B 33 1.98 21.82 1.95
C VAL B 33 3.04 22.39 1.01
N SER B 34 4.21 22.65 1.56
CA SER B 34 5.33 23.13 0.76
C SER B 34 5.74 22.06 -0.25
N LEU B 35 5.93 22.47 -1.50
CA LEU B 35 6.33 21.50 -2.52
C LEU B 35 7.70 20.90 -2.20
N ASN B 36 8.64 21.73 -1.73
CA ASN B 36 9.95 21.21 -1.37
C ASN B 36 9.86 20.25 -0.19
N GLU B 37 9.00 20.54 0.79
CA GLU B 37 8.85 19.61 1.91
C GLU B 37 8.23 18.29 1.45
N LEU B 38 7.25 18.34 0.54
CA LEU B 38 6.68 17.10 0.03
C LEU B 38 7.74 16.27 -0.68
N VAL B 39 8.59 16.93 -1.48
CA VAL B 39 9.63 16.21 -2.22
C VAL B 39 10.55 15.46 -1.26
N ASN B 40 11.01 16.14 -0.21
CA ASN B 40 11.86 15.47 0.78
C ASN B 40 11.14 14.32 1.46
N ALA B 41 9.84 14.47 1.71
CA ALA B 41 9.08 13.37 2.30
C ALA B 41 9.01 12.18 1.34
N LEU B 42 8.77 12.44 0.05
CA LEU B 42 8.76 11.35 -0.93
C LEU B 42 10.13 10.69 -1.04
N LYS B 43 11.21 11.45 -0.91
CA LYS B 43 12.55 10.90 -1.04
C LYS B 43 12.90 9.94 0.09
N THR B 44 12.23 10.04 1.25
CA THR B 44 12.44 9.06 2.30
C THR B 44 12.03 7.65 1.86
N VAL B 45 11.17 7.56 0.86
CA VAL B 45 10.68 6.29 0.33
C VAL B 45 11.28 5.98 -1.04
N TYR B 46 11.33 6.97 -1.93
CA TYR B 46 11.85 6.82 -3.29
C TYR B 46 12.92 7.88 -3.51
N PRO B 47 14.19 7.55 -3.26
CA PRO B 47 15.24 8.58 -3.26
C PRO B 47 15.45 9.28 -4.59
N GLU B 48 15.01 8.68 -5.71
CA GLU B 48 15.22 9.27 -7.03
C GLU B 48 14.21 10.35 -7.39
N VAL B 49 13.18 10.57 -6.56
CA VAL B 49 12.16 11.57 -6.87
C VAL B 49 12.77 12.96 -6.84
N THR B 50 12.37 13.81 -7.79
CA THR B 50 12.77 15.20 -7.86
C THR B 50 11.53 16.09 -7.89
N GLU B 51 11.73 17.38 -7.62
CA GLU B 51 10.62 18.34 -7.75
C GLU B 51 10.06 18.33 -9.16
N GLU B 52 10.93 18.26 -10.17
CA GLU B 52 10.47 18.28 -11.54
C GLU B 52 9.56 17.08 -11.84
N PHE B 53 9.91 15.91 -11.32
CA PHE B 53 9.09 14.73 -11.51
C PHE B 53 7.72 14.89 -10.84
N VAL B 54 7.68 15.51 -9.67
CA VAL B 54 6.40 15.75 -9.00
C VAL B 54 5.56 16.73 -9.82
N ARG B 55 6.19 17.77 -10.38
CA ARG B 55 5.46 18.69 -11.23
C ARG B 55 4.89 17.97 -12.45
N GLU B 56 5.64 17.02 -13.00
CA GLU B 56 5.14 16.26 -14.15
C GLU B 56 3.93 15.41 -13.77
N ILE B 57 3.96 14.76 -12.60
CA ILE B 57 2.82 13.97 -12.13
C ILE B 57 1.59 14.85 -11.96
N VAL B 58 1.76 16.06 -11.43
CA VAL B 58 0.60 16.93 -11.20
C VAL B 58 -0.06 17.30 -12.52
N GLU B 59 0.74 17.77 -13.50
CA GLU B 59 0.16 18.24 -14.76
C GLU B 59 -0.48 17.09 -15.54
N ASN B 60 0.11 15.90 -15.49
CA ASN B 60 -0.32 14.79 -16.33
C ASN B 60 -1.32 13.86 -15.65
N ASP B 61 -1.76 14.17 -14.43
CA ASP B 61 -2.65 13.23 -13.73
C ASP B 61 -3.98 13.24 -14.45
N PRO B 62 -4.46 12.07 -14.92
CA PRO B 62 -5.68 12.08 -15.75
C PRO B 62 -6.96 12.43 -14.99
N ALA B 63 -6.99 12.30 -13.66
CA ALA B 63 -8.19 12.65 -12.90
C ALA B 63 -8.20 14.08 -12.37
N GLY B 64 -7.06 14.78 -12.45
CA GLY B 64 -6.96 16.08 -11.81
C GLY B 64 -6.85 16.00 -10.31
N ARG B 65 -6.06 15.05 -9.81
CA ARG B 65 -6.00 14.79 -8.36
C ARG B 65 -5.33 15.92 -7.60
N TYR B 66 -4.44 16.68 -8.25
CA TYR B 66 -3.51 17.54 -7.56
C TYR B 66 -3.55 18.95 -8.14
N GLU B 67 -3.05 19.90 -7.35
CA GLU B 67 -2.96 21.30 -7.73
C GLU B 67 -1.68 21.89 -7.14
N ILE B 68 -0.88 22.55 -7.98
CA ILE B 68 0.27 23.32 -7.52
C ILE B 68 -0.07 24.80 -7.65
N ARG B 69 0.12 25.56 -6.57
CA ARG B 69 0.00 27.01 -6.56
C ARG B 69 1.30 27.60 -6.04
N GLY B 70 2.04 28.27 -6.91
CA GLY B 70 3.33 28.82 -6.52
C GLY B 70 4.26 27.70 -6.12
N ASP B 71 4.67 27.66 -4.85
CA ASP B 71 5.57 26.63 -4.36
C ASP B 71 4.87 25.70 -3.37
N ARG B 72 3.56 25.60 -3.48
CA ARG B 72 2.77 24.76 -2.59
C ARG B 72 1.95 23.78 -3.42
N ILE B 73 1.58 22.67 -2.80
CA ILE B 73 0.89 21.59 -3.52
C ILE B 73 -0.15 20.98 -2.58
N ARG B 74 -1.28 20.59 -3.15
CA ARG B 74 -2.33 19.91 -2.41
C ARG B 74 -2.98 18.85 -3.29
N ALA B 75 -3.67 17.92 -2.63
CA ALA B 75 -4.69 17.12 -3.29
C ALA B 75 -5.94 17.95 -3.43
N ARG B 76 -6.65 17.78 -4.54
CA ARG B 76 -7.86 18.56 -4.77
C ARG B 76 -9.10 17.94 -4.13
N TYR B 77 -9.04 16.68 -3.71
CA TYR B 77 -10.17 16.04 -3.05
C TYR B 77 -9.68 14.82 -2.29
N GLY B 78 -10.60 14.11 -1.65
CA GLY B 78 -10.29 12.86 -0.98
C GLY B 78 -9.80 12.99 0.44
N HIS B 79 -9.66 14.21 0.96
CA HIS B 79 -9.10 14.41 2.29
C HIS B 79 -9.92 13.74 3.38
N SER B 80 -9.23 13.21 4.37
CA SER B 80 -9.86 12.71 5.58
C SER B 80 -9.63 13.65 6.77
N PHE B 81 -9.23 14.89 6.51
CA PHE B 81 -9.15 15.96 7.51
C PHE B 81 -9.72 17.24 6.91
N PRO B 82 -10.26 18.14 7.73
CA PRO B 82 -10.93 19.34 7.19
C PRO B 82 -9.97 20.26 6.44
N VAL B 83 -10.41 20.71 5.26
CA VAL B 83 -9.67 21.63 4.40
C VAL B 83 -10.66 22.59 3.77
N SER B 84 -10.20 23.80 3.50
CA SER B 84 -10.97 24.78 2.77
C SER B 84 -10.60 24.72 1.29
N LEU B 85 -11.55 24.34 0.44
CA LEU B 85 -11.31 24.20 -1.00
C LEU B 85 -12.04 25.31 -1.75
N ASP B 86 -11.35 25.96 -2.67
CA ASP B 86 -11.91 27.08 -3.43
C ASP B 86 -12.27 26.69 -4.86
N HIS B 87 -12.83 25.50 -5.04
CA HIS B 87 -13.16 24.98 -6.36
C HIS B 87 -14.36 25.71 -6.96
N GLU B 88 -14.38 25.77 -8.28
CA GLU B 88 -15.54 26.30 -9.00
C GLU B 88 -16.75 25.40 -8.80
N GLU B 89 -17.93 26.01 -8.75
CA GLU B 89 -19.15 25.24 -8.61
C GLU B 89 -19.52 24.61 -9.95
N ASP B 90 -19.94 23.35 -9.91
CA ASP B 90 -20.52 22.69 -11.07
C ASP B 90 -21.99 23.08 -11.11
N THR B 91 -22.34 23.95 -12.05
CA THR B 91 -23.73 24.33 -12.26
C THR B 91 -24.31 23.69 -13.51
N GLU B 92 -23.49 22.93 -14.24
CA GLU B 92 -23.80 22.35 -15.55
C GLU B 92 -24.31 20.92 -15.49
N SER B 93 -23.70 20.05 -14.69
CA SER B 93 -24.07 18.64 -14.69
C SER B 93 -25.53 18.52 -14.33
N ARG B 94 -26.29 17.73 -15.08
CA ARG B 94 -27.65 17.67 -14.60
C ARG B 94 -27.90 16.38 -13.82
N PHE B 95 -27.13 15.33 -14.07
CA PHE B 95 -27.19 14.08 -13.34
C PHE B 95 -25.77 13.70 -12.96
N LEU B 96 -25.59 13.16 -11.76
CA LEU B 96 -24.29 12.73 -11.30
C LEU B 96 -24.39 11.26 -10.89
N TYR B 97 -23.23 10.62 -10.73
CA TYR B 97 -23.19 9.17 -10.57
C TYR B 97 -22.29 8.77 -9.41
N HIS B 98 -22.69 7.70 -8.74
CA HIS B 98 -21.92 7.17 -7.63
C HIS B 98 -22.09 5.66 -7.63
N GLY B 99 -20.97 4.93 -7.69
CA GLY B 99 -20.99 3.48 -7.63
C GLY B 99 -20.73 3.01 -6.21
N THR B 100 -21.46 1.98 -5.79
CA THR B 100 -21.30 1.47 -4.43
C THR B 100 -21.65 -0.01 -4.41
N PRO B 101 -21.02 -0.80 -3.54
CA PRO B 101 -21.43 -2.19 -3.34
C PRO B 101 -22.92 -2.29 -3.07
N ARG B 102 -23.56 -3.30 -3.65
CA ARG B 102 -24.98 -3.54 -3.43
C ARG B 102 -25.34 -3.62 -1.95
N ARG B 103 -24.44 -4.18 -1.12
CA ARG B 103 -24.71 -4.36 0.30
C ARG B 103 -24.97 -3.05 1.04
N ASN B 104 -24.56 -1.90 0.49
CA ASN B 104 -24.76 -0.63 1.16
C ASN B 104 -26.13 0.00 0.88
N LEU B 105 -26.94 -0.57 -0.01
CA LEU B 105 -28.19 0.07 -0.37
C LEU B 105 -29.16 0.29 0.80
N PRO B 106 -29.38 -0.67 1.72
CA PRO B 106 -30.31 -0.38 2.84
C PRO B 106 -29.98 0.90 3.58
N SER B 107 -28.71 1.15 3.91
CA SER B 107 -28.36 2.41 4.58
C SER B 107 -28.49 3.60 3.64
N ILE B 108 -27.96 3.47 2.42
CA ILE B 108 -27.90 4.64 1.54
C ILE B 108 -29.28 5.08 1.10
N LEU B 109 -30.18 4.14 0.80
CA LEU B 109 -31.49 4.53 0.32
C LEU B 109 -32.39 5.07 1.44
N LYS B 110 -32.03 4.83 2.70
CA LYS B 110 -32.70 5.41 3.85
C LYS B 110 -32.07 6.74 4.28
N GLU B 111 -30.73 6.79 4.38
CA GLU B 111 -30.01 7.92 4.94
C GLU B 111 -29.34 8.79 3.89
N GLY B 112 -29.23 8.32 2.66
CA GLY B 112 -28.49 9.02 1.62
C GLY B 112 -27.01 8.75 1.71
N LEU B 113 -26.28 9.36 0.77
CA LEU B 113 -24.82 9.25 0.76
C LEU B 113 -24.24 10.16 1.84
N LYS B 114 -23.31 9.62 2.62
CA LYS B 114 -22.63 10.33 3.68
C LYS B 114 -21.13 10.34 3.38
N PRO B 115 -20.39 11.32 3.92
CA PRO B 115 -18.95 11.39 3.59
C PRO B 115 -18.12 10.31 4.24
N MET B 116 -18.61 9.66 5.31
CA MET B 116 -17.91 8.58 6.02
C MET B 116 -16.59 9.13 6.55
N LYS B 117 -15.43 8.55 6.22
CA LYS B 117 -14.16 9.02 6.75
C LYS B 117 -13.62 10.25 6.04
N ARG B 118 -14.27 10.69 4.97
CA ARG B 118 -13.80 11.87 4.24
C ARG B 118 -14.60 13.08 4.66
N GLN B 119 -14.16 14.26 4.23
CA GLN B 119 -14.91 15.48 4.48
C GLN B 119 -16.12 15.60 3.57
N TYR B 120 -16.06 15.01 2.38
CA TYR B 120 -17.08 15.19 1.36
C TYR B 120 -17.54 13.85 0.80
N VAL B 121 -18.79 13.82 0.33
CA VAL B 121 -19.23 12.77 -0.56
C VAL B 121 -18.63 13.04 -1.94
N HIS B 122 -18.06 12.00 -2.56
CA HIS B 122 -17.50 12.12 -3.90
C HIS B 122 -18.41 11.43 -4.90
N VAL B 123 -18.72 12.11 -6.00
CA VAL B 123 -19.51 11.56 -7.08
C VAL B 123 -18.77 11.85 -8.38
N SER B 124 -19.34 11.41 -9.50
CA SER B 124 -18.67 11.57 -10.77
C SER B 124 -19.67 11.96 -11.86
N THR B 125 -19.14 12.66 -12.87
CA THR B 125 -19.90 12.89 -14.09
C THR B 125 -19.91 11.67 -15.00
N ASP B 126 -19.10 10.66 -14.70
CA ASP B 126 -18.85 9.53 -15.60
C ASP B 126 -19.37 8.23 -14.99
N LYS B 127 -20.27 7.56 -15.72
CA LYS B 127 -20.87 6.33 -15.23
C LYS B 127 -19.83 5.23 -15.03
N ILE B 128 -18.93 5.05 -16.01
CA ILE B 128 -17.94 3.97 -15.92
C ILE B 128 -17.03 4.17 -14.71
N GLU B 129 -16.59 5.41 -14.49
CA GLU B 129 -15.65 5.64 -13.38
C GLU B 129 -16.35 5.51 -12.03
N ALA B 130 -17.62 5.93 -11.95
CA ALA B 130 -18.39 5.70 -10.74
C ALA B 130 -18.47 4.21 -10.40
N LEU B 131 -18.73 3.38 -11.41
CA LEU B 131 -18.85 1.94 -11.16
C LEU B 131 -17.52 1.32 -10.78
N GLU B 132 -16.44 1.74 -11.42
CA GLU B 132 -15.12 1.23 -11.06
C GLU B 132 -14.72 1.68 -9.66
N THR B 133 -15.17 2.86 -9.24
CA THR B 133 -14.94 3.26 -7.85
C THR B 133 -15.68 2.35 -6.88
N GLY B 134 -16.93 2.00 -7.19
CA GLY B 134 -17.64 1.05 -6.34
C GLY B 134 -16.92 -0.28 -6.24
N ARG B 135 -16.29 -0.71 -7.34
CA ARG B 135 -15.62 -2.00 -7.42
C ARG B 135 -14.41 -2.11 -6.49
N ARG B 136 -13.85 -0.99 -6.03
CA ARG B 136 -12.79 -1.13 -5.04
C ARG B 136 -13.31 -1.67 -3.71
N HIS B 137 -14.59 -1.49 -3.41
CA HIS B 137 -15.16 -1.89 -2.12
C HIS B 137 -15.91 -3.22 -2.17
N GLY B 138 -16.09 -3.81 -3.36
CA GLY B 138 -16.85 -5.03 -3.47
C GLY B 138 -17.06 -5.44 -4.90
N ARG B 139 -17.42 -6.70 -5.14
CA ARG B 139 -17.58 -7.15 -6.52
C ARG B 139 -18.94 -6.78 -7.08
N GLU B 140 -20.00 -6.89 -6.27
CA GLU B 140 -21.36 -6.61 -6.73
C GLU B 140 -21.70 -5.15 -6.41
N VAL B 141 -21.78 -4.33 -7.45
CA VAL B 141 -21.91 -2.88 -7.31
C VAL B 141 -23.15 -2.42 -8.06
N VAL B 142 -23.72 -1.33 -7.58
CA VAL B 142 -24.84 -0.68 -8.25
C VAL B 142 -24.41 0.74 -8.60
N LEU B 143 -25.01 1.26 -9.66
CA LEU B 143 -24.85 2.63 -10.10
C LEU B 143 -25.98 3.48 -9.52
N LEU B 144 -25.63 4.48 -8.72
CA LEU B 144 -26.61 5.44 -8.23
C LEU B 144 -26.66 6.63 -9.19
N VAL B 145 -27.87 7.02 -9.57
CA VAL B 145 -28.09 8.19 -10.41
C VAL B 145 -28.60 9.29 -9.50
N ILE B 146 -27.92 10.44 -9.52
CA ILE B 146 -28.18 11.52 -8.59
C ILE B 146 -28.69 12.71 -9.38
N ASP B 147 -29.82 13.26 -8.95
CA ASP B 147 -30.42 14.43 -9.59
C ASP B 147 -29.74 15.68 -9.04
N ALA B 148 -28.87 16.29 -9.86
CA ALA B 148 -28.08 17.43 -9.37
C ALA B 148 -28.97 18.64 -9.05
N GLU B 149 -30.06 18.83 -9.78
CA GLU B 149 -30.94 19.96 -9.49
C GLU B 149 -31.62 19.77 -8.14
N CYS B 150 -31.99 18.53 -7.81
CA CYS B 150 -32.50 18.23 -6.48
C CYS B 150 -31.52 18.69 -5.41
N LEU B 151 -30.23 18.37 -5.58
CA LEU B 151 -29.23 18.74 -4.59
C LEU B 151 -29.12 20.26 -4.44
N ARG B 152 -29.06 20.97 -5.57
CA ARG B 152 -28.91 22.42 -5.50
C ARG B 152 -30.10 23.06 -4.81
N LYS B 153 -31.32 22.61 -5.15
CA LYS B 153 -32.52 23.15 -4.53
C LYS B 153 -32.52 22.97 -3.03
N ARG B 154 -31.96 21.88 -2.54
CA ARG B 154 -31.87 21.65 -1.10
C ARG B 154 -30.67 22.34 -0.47
N GLY B 155 -29.96 23.16 -1.24
CA GLY B 155 -28.87 23.95 -0.71
C GLY B 155 -27.50 23.30 -0.78
N PHE B 156 -27.39 22.10 -1.35
CA PHE B 156 -26.12 21.38 -1.41
C PHE B 156 -25.44 21.73 -2.72
N LYS B 157 -24.44 22.60 -2.66
CA LYS B 157 -23.67 22.97 -3.85
C LYS B 157 -22.68 21.88 -4.21
N ILE B 158 -22.49 21.70 -5.52
CA ILE B 158 -21.63 20.67 -6.10
C ILE B 158 -20.40 21.34 -6.70
N TYR B 159 -19.21 20.86 -6.33
CA TYR B 159 -17.96 21.52 -6.70
C TYR B 159 -17.10 20.65 -7.62
N LYS B 160 -16.45 21.31 -8.58
CA LYS B 160 -15.61 20.67 -9.60
C LYS B 160 -14.23 20.34 -9.03
N ALA B 161 -14.15 19.21 -8.34
CA ALA B 161 -12.91 18.86 -7.64
C ALA B 161 -11.89 18.23 -8.57
N GLY B 162 -12.34 17.38 -9.50
CA GLY B 162 -11.45 16.77 -10.45
C GLY B 162 -11.99 16.94 -11.86
N LYS B 163 -11.36 16.32 -12.85
CA LYS B 163 -11.88 16.39 -14.21
C LYS B 163 -13.29 15.81 -14.28
N ASN B 164 -13.49 14.63 -13.69
CA ASN B 164 -14.80 14.03 -13.56
C ASN B 164 -15.31 13.98 -12.13
N VAL B 165 -14.44 14.02 -11.14
CA VAL B 165 -14.87 13.89 -9.74
C VAL B 165 -15.58 15.16 -9.29
N ARG B 166 -16.70 15.00 -8.60
CA ARG B 166 -17.40 16.11 -7.96
C ARG B 166 -17.54 15.84 -6.47
N ILE B 167 -17.52 16.91 -5.67
CA ILE B 167 -17.71 16.77 -4.23
C ILE B 167 -18.95 17.56 -3.82
N VAL B 168 -19.61 17.04 -2.80
CA VAL B 168 -20.83 17.64 -2.25
C VAL B 168 -20.91 17.21 -0.80
N GLU B 169 -21.57 18.03 0.02
CA GLU B 169 -21.56 17.77 1.46
C GLU B 169 -22.18 16.42 1.79
N ARG B 170 -23.31 16.11 1.17
CA ARG B 170 -23.98 14.81 1.30
C ARG B 170 -25.06 14.76 0.24
N VAL B 171 -25.62 13.58 0.02
CA VAL B 171 -26.67 13.37 -0.96
C VAL B 171 -27.88 12.78 -0.24
N PRO B 172 -28.90 13.58 0.05
CA PRO B 172 -30.11 13.03 0.65
C PRO B 172 -30.74 12.01 -0.27
N PRO B 173 -31.42 11.00 0.28
CA PRO B 173 -31.95 9.92 -0.57
C PRO B 173 -33.01 10.37 -1.57
N ASP B 174 -33.72 11.48 -1.29
CA ASP B 174 -34.68 12.01 -2.26
C ASP B 174 -34.01 12.40 -3.56
N CYS B 175 -32.71 12.74 -3.53
CA CYS B 175 -31.98 13.13 -4.73
C CYS B 175 -31.39 11.95 -5.47
N ILE B 176 -31.52 10.75 -4.93
CA ILE B 176 -31.04 9.54 -5.60
C ILE B 176 -32.23 9.01 -6.37
N THR B 177 -32.21 9.14 -7.68
CA THR B 177 -33.40 8.82 -8.46
C THR B 177 -33.44 7.36 -8.87
N LEU B 178 -32.30 6.70 -8.98
CA LEU B 178 -32.27 5.33 -9.45
C LEU B 178 -31.03 4.65 -8.87
N ALA B 179 -31.17 3.36 -8.61
CA ALA B 179 -30.05 2.49 -8.24
C ALA B 179 -30.08 1.29 -9.19
N VAL B 180 -29.09 1.21 -10.08
CA VAL B 180 -29.06 0.21 -11.15
C VAL B 180 -27.94 -0.82 -10.99
#